data_7PCI
#
_entry.id   7PCI
#
_cell.length_a   75.670
_cell.length_b   84.470
_cell.length_c   46.200
_cell.angle_alpha   90.000
_cell.angle_beta   90.000
_cell.angle_gamma   90.000
#
_symmetry.space_group_name_H-M   'P 21 21 2'
#
loop_
_entity.id
_entity.type
_entity.pdbx_description
1 polymer 'Ketol-acid reductoisomerase'
2 non-polymer NICOTINAMIDE-ADENINE-DINUCLEOTIDE
3 non-polymer 'MAGNESIUM ION'
4 non-polymer '(Z)-2,3-bis(oxidanyl)prop-2-enoic acid'
5 non-polymer IMIDAZOLE
6 water water
#
_entity_poly.entity_id   1
_entity_poly.type   'polypeptide(L)'
_entity_poly.pdbx_seq_one_letter_code
;GSHMASNDLIYQDEHASLQPLEGRTVAVIGYGIQGRAFAANLRDSGVAVRVGNIDDRYFELARAEGHRVTNIAEAVAHAD
IVLLLIPDEAHGAVFDVDIAPNLRDGALLCVAHGHSLVQGDVRPLPGRDLAMLAPRMYGDPIRRYYLAGQGAPAYFDIVA
DHTGRARDRVLAIARAVGFTRAGVMALGYRQETFLDLFQEQFLAPALVDLVETGFQVLVERGFNPKAALLEVYGSGEMGK
MMLDGADIGLDEVVALQGSPTCQVGYHRWRGRTLPTAVRELAARVLDQIEGGDFSAYLKEQASNDYASLDDARRAALKRP
LNVAHAQVRAAFRFPTEAAGGLYQAAQAPADVEPEAAR
;
_entity_poly.pdbx_strand_id   A
#
# COMPACT_ATOMS: atom_id res chain seq x y z
N ASP A 8 10.13 16.04 13.89
CA ASP A 8 9.43 14.81 13.42
C ASP A 8 9.63 13.69 14.45
N LEU A 9 8.55 12.99 14.79
CA LEU A 9 8.55 11.85 15.72
C LEU A 9 8.57 10.55 14.91
N ILE A 10 9.70 9.84 14.91
CA ILE A 10 9.93 8.60 14.10
C ILE A 10 10.38 7.47 15.02
N TYR A 11 9.65 6.34 15.00
CA TYR A 11 9.93 5.13 15.81
C TYR A 11 10.57 4.06 14.93
N GLN A 12 11.69 3.50 15.39
CA GLN A 12 12.32 2.29 14.80
C GLN A 12 12.24 1.18 15.85
N ASP A 13 12.79 0.00 15.57
CA ASP A 13 12.58 -1.24 16.36
C ASP A 13 12.86 -0.98 17.85
N GLU A 14 13.92 -0.22 18.17
CA GLU A 14 14.39 -0.02 19.56
C GLU A 14 13.45 0.93 20.33
N HIS A 15 12.52 1.59 19.64
CA HIS A 15 11.57 2.57 20.24
C HIS A 15 10.19 1.96 20.45
N ALA A 16 9.98 0.68 20.09
CA ALA A 16 8.66 0.01 20.13
C ALA A 16 8.81 -1.41 20.67
N SER A 17 7.97 -1.78 21.65
CA SER A 17 7.95 -3.11 22.31
C SER A 17 6.84 -3.97 21.70
N LEU A 18 7.02 -5.30 21.71
CA LEU A 18 5.99 -6.31 21.34
C LEU A 18 5.13 -6.64 22.56
N GLN A 19 5.59 -6.24 23.76
CA GLN A 19 4.99 -6.57 25.08
C GLN A 19 3.51 -6.19 25.12
N PRO A 20 3.06 -5.05 24.53
CA PRO A 20 1.64 -4.69 24.55
C PRO A 20 0.70 -5.69 23.83
N LEU A 21 1.26 -6.61 23.04
CA LEU A 21 0.49 -7.63 22.27
C LEU A 21 0.48 -8.98 23.00
N GLU A 22 1.32 -9.16 24.02
CA GLU A 22 1.42 -10.43 24.78
C GLU A 22 0.06 -10.73 25.43
N GLY A 23 -0.53 -11.88 25.09
CA GLY A 23 -1.82 -12.33 25.64
C GLY A 23 -2.99 -11.58 25.05
N ARG A 24 -2.76 -10.74 24.03
CA ARG A 24 -3.82 -9.98 23.31
C ARG A 24 -4.09 -10.67 21.97
N THR A 25 -5.31 -10.50 21.44
CA THR A 25 -5.73 -11.02 20.13
C THR A 25 -5.93 -9.84 19.17
N VAL A 26 -5.34 -9.93 17.98
CA VAL A 26 -5.50 -8.93 16.88
C VAL A 26 -6.44 -9.52 15.83
N ALA A 27 -7.57 -8.84 15.57
CA ALA A 27 -8.51 -9.17 14.49
C ALA A 27 -8.14 -8.34 13.26
N VAL A 28 -7.61 -9.00 12.23
CA VAL A 28 -7.41 -8.42 10.86
C VAL A 28 -8.75 -8.51 10.13
N ILE A 29 -9.43 -7.37 9.93
CA ILE A 29 -10.73 -7.31 9.21
C ILE A 29 -10.43 -7.07 7.73
N GLY A 30 -10.77 -8.05 6.90
CA GLY A 30 -10.37 -8.13 5.48
C GLY A 30 -9.09 -8.93 5.32
N TYR A 31 -8.94 -9.62 4.19
CA TYR A 31 -7.76 -10.48 3.89
C TYR A 31 -7.33 -10.21 2.45
N GLY A 32 -7.37 -8.93 2.07
CA GLY A 32 -6.94 -8.47 0.73
C GLY A 32 -5.46 -8.17 0.71
N ILE A 33 -5.08 -7.14 -0.04
CA ILE A 33 -3.67 -6.76 -0.34
C ILE A 33 -2.95 -6.49 0.99
N GLN A 34 -3.54 -5.67 1.86
CA GLN A 34 -2.95 -5.28 3.16
C GLN A 34 -3.27 -6.35 4.22
N GLY A 35 -4.54 -6.74 4.34
CA GLY A 35 -5.02 -7.71 5.35
C GLY A 35 -4.17 -8.96 5.37
N ARG A 36 -3.84 -9.49 4.19
CA ARG A 36 -3.08 -10.76 4.03
C ARG A 36 -1.65 -10.58 4.55
N ALA A 37 -1.01 -9.45 4.23
CA ALA A 37 0.39 -9.13 4.64
C ALA A 37 0.46 -8.90 6.15
N PHE A 38 -0.49 -8.14 6.70
CA PHE A 38 -0.58 -7.85 8.17
C PHE A 38 -0.74 -9.18 8.92
N ALA A 39 -1.70 -10.01 8.49
CA ALA A 39 -2.07 -11.30 9.12
C ALA A 39 -0.86 -12.24 9.16
N ALA A 40 -0.15 -12.37 8.03
CA ALA A 40 1.02 -13.27 7.86
C ALA A 40 2.19 -12.81 8.73
N ASN A 41 2.48 -11.51 8.73
CA ASN A 41 3.62 -10.91 9.47
C ASN A 41 3.34 -10.98 10.97
N LEU A 42 2.14 -10.60 11.41
CA LEU A 42 1.70 -10.66 12.83
C LEU A 42 1.91 -12.08 13.38
N ARG A 43 1.42 -13.08 12.64
CA ARG A 43 1.51 -14.52 13.02
C ARG A 43 2.98 -14.93 13.16
N ASP A 44 3.81 -14.57 12.18
CA ASP A 44 5.25 -14.95 12.12
C ASP A 44 6.05 -14.18 13.17
N SER A 45 5.49 -13.09 13.71
CA SER A 45 6.08 -12.27 14.82
C SER A 45 5.58 -12.78 16.18
N GLY A 46 4.78 -13.86 16.19
CA GLY A 46 4.34 -14.55 17.43
C GLY A 46 3.13 -13.88 18.07
N VAL A 47 2.35 -13.12 17.29
CA VAL A 47 1.09 -12.46 17.75
C VAL A 47 -0.08 -13.41 17.49
N ALA A 48 -1.02 -13.49 18.43
CA ALA A 48 -2.32 -14.18 18.29
C ALA A 48 -3.19 -13.36 17.33
N VAL A 49 -3.43 -13.89 16.13
CA VAL A 49 -4.18 -13.19 15.05
C VAL A 49 -5.39 -14.05 14.66
N ARG A 50 -6.56 -13.42 14.51
CA ARG A 50 -7.76 -13.98 13.82
C ARG A 50 -8.07 -13.11 12.62
N VAL A 51 -8.80 -13.67 11.65
CA VAL A 51 -9.29 -12.93 10.45
C VAL A 51 -10.82 -12.82 10.53
N GLY A 52 -11.34 -11.60 10.35
CA GLY A 52 -12.77 -11.32 10.13
C GLY A 52 -12.99 -10.92 8.68
N ASN A 53 -13.90 -11.62 7.99
CA ASN A 53 -14.09 -11.46 6.52
C ASN A 53 -15.50 -11.90 6.14
N ILE A 54 -16.11 -11.19 5.19
CA ILE A 54 -17.42 -11.54 4.57
C ILE A 54 -17.26 -12.85 3.79
N ASP A 55 -18.37 -13.46 3.38
CA ASP A 55 -18.40 -14.77 2.69
C ASP A 55 -18.02 -14.58 1.22
N ASP A 56 -16.72 -14.44 0.93
CA ASP A 56 -16.18 -14.29 -0.45
C ASP A 56 -14.86 -15.09 -0.55
N ARG A 57 -14.14 -14.96 -1.68
CA ARG A 57 -12.93 -15.76 -1.99
C ARG A 57 -11.85 -15.55 -0.91
N TYR A 58 -11.77 -14.35 -0.32
CA TYR A 58 -10.73 -13.97 0.66
C TYR A 58 -10.89 -14.79 1.95
N PHE A 59 -12.14 -15.09 2.32
CA PHE A 59 -12.49 -15.92 3.51
C PHE A 59 -11.81 -17.29 3.39
N GLU A 60 -12.01 -17.98 2.26
CA GLU A 60 -11.45 -19.34 2.02
C GLU A 60 -9.92 -19.26 1.87
N LEU A 61 -9.42 -18.18 1.28
CA LEU A 61 -7.95 -17.94 1.12
C LEU A 61 -7.29 -17.87 2.50
N ALA A 62 -7.90 -17.14 3.45
CA ALA A 62 -7.42 -16.98 4.84
C ALA A 62 -7.39 -18.34 5.52
N ARG A 63 -8.43 -19.15 5.32
CA ARG A 63 -8.56 -20.53 5.86
C ARG A 63 -7.48 -21.42 5.22
N ALA A 64 -7.32 -21.34 3.90
CA ALA A 64 -6.31 -22.09 3.13
C ALA A 64 -4.90 -21.79 3.66
N GLU A 65 -4.67 -20.56 4.12
CA GLU A 65 -3.35 -20.09 4.63
C GLU A 65 -3.28 -20.23 6.15
N GLY A 66 -4.22 -20.98 6.75
CA GLY A 66 -4.09 -21.57 8.09
C GLY A 66 -4.58 -20.66 9.20
N HIS A 67 -5.36 -19.62 8.87
CA HIS A 67 -5.86 -18.61 9.85
C HIS A 67 -7.19 -19.07 10.47
N ARG A 68 -7.44 -18.64 11.71
CA ARG A 68 -8.77 -18.69 12.37
C ARG A 68 -9.63 -17.61 11.72
N VAL A 69 -10.59 -18.01 10.87
CA VAL A 69 -11.44 -17.08 10.08
C VAL A 69 -12.90 -17.23 10.51
N THR A 70 -13.57 -16.09 10.74
CA THR A 70 -15.02 -15.99 11.02
C THR A 70 -15.57 -14.76 10.28
N ASN A 71 -16.87 -14.50 10.41
CA ASN A 71 -17.50 -13.23 9.98
C ASN A 71 -16.86 -12.10 10.79
N ILE A 72 -17.05 -10.85 10.35
CA ILE A 72 -16.36 -9.65 10.90
C ILE A 72 -16.80 -9.45 12.36
N ALA A 73 -18.10 -9.61 12.65
CA ALA A 73 -18.71 -9.36 13.98
C ALA A 73 -18.03 -10.24 15.05
N GLU A 74 -17.87 -11.54 14.77
CA GLU A 74 -17.29 -12.52 15.74
C GLU A 74 -15.81 -12.20 15.98
N ALA A 75 -15.08 -11.81 14.93
CA ALA A 75 -13.64 -11.46 14.99
C ALA A 75 -13.44 -10.25 15.91
N VAL A 76 -14.21 -9.18 15.67
CA VAL A 76 -14.17 -7.92 16.46
C VAL A 76 -14.48 -8.23 17.93
N ALA A 77 -15.53 -9.03 18.18
CA ALA A 77 -16.05 -9.36 19.54
C ALA A 77 -15.00 -10.10 20.37
N HIS A 78 -14.06 -10.81 19.72
CA HIS A 78 -13.02 -11.65 20.38
C HIS A 78 -11.63 -11.04 20.14
N ALA A 79 -11.52 -9.71 20.05
CA ALA A 79 -10.28 -9.00 19.70
C ALA A 79 -10.02 -7.85 20.67
N ASP A 80 -8.74 -7.62 20.98
CA ASP A 80 -8.23 -6.47 21.77
C ASP A 80 -7.83 -5.33 20.82
N ILE A 81 -7.36 -5.68 19.62
CA ILE A 81 -6.98 -4.74 18.53
C ILE A 81 -7.67 -5.19 17.25
N VAL A 82 -8.32 -4.26 16.55
CA VAL A 82 -9.04 -4.50 15.27
C VAL A 82 -8.37 -3.65 14.20
N LEU A 83 -7.90 -4.28 13.12
CA LEU A 83 -7.30 -3.62 11.94
C LEU A 83 -8.30 -3.67 10.78
N LEU A 84 -8.89 -2.52 10.43
CA LEU A 84 -9.93 -2.41 9.36
C LEU A 84 -9.24 -2.29 8.00
N LEU A 85 -8.95 -3.43 7.37
CA LEU A 85 -8.18 -3.52 6.09
C LEU A 85 -9.12 -4.02 4.98
N ILE A 86 -10.17 -3.23 4.72
CA ILE A 86 -11.12 -3.40 3.58
C ILE A 86 -11.16 -2.07 2.82
N PRO A 87 -11.70 -2.02 1.59
CA PRO A 87 -11.75 -0.77 0.83
C PRO A 87 -12.45 0.36 1.61
N ASP A 88 -11.96 1.58 1.42
CA ASP A 88 -12.28 2.78 2.25
C ASP A 88 -13.77 3.12 2.15
N GLU A 89 -14.38 2.93 0.98
CA GLU A 89 -15.82 3.28 0.74
C GLU A 89 -16.73 2.31 1.48
N ALA A 90 -16.22 1.15 1.91
CA ALA A 90 -16.96 0.10 2.66
C ALA A 90 -16.84 0.32 4.17
N HIS A 91 -15.95 1.19 4.63
CA HIS A 91 -15.64 1.42 6.07
C HIS A 91 -16.91 1.83 6.83
N GLY A 92 -17.67 2.80 6.30
CA GLY A 92 -18.86 3.38 6.94
C GLY A 92 -19.87 2.33 7.37
N ALA A 93 -20.27 1.46 6.44
CA ALA A 93 -21.30 0.41 6.64
C ALA A 93 -20.77 -0.66 7.61
N VAL A 94 -19.52 -1.07 7.46
CA VAL A 94 -18.88 -2.15 8.29
C VAL A 94 -18.63 -1.61 9.71
N PHE A 95 -18.27 -0.32 9.84
CA PHE A 95 -18.07 0.35 11.15
C PHE A 95 -19.40 0.37 11.91
N ASP A 96 -20.44 0.93 11.27
CA ASP A 96 -21.81 1.11 11.84
C ASP A 96 -22.40 -0.25 12.23
N VAL A 97 -22.26 -1.27 11.36
CA VAL A 97 -23.01 -2.56 11.46
C VAL A 97 -22.20 -3.58 12.26
N ASP A 98 -20.90 -3.74 11.97
CA ASP A 98 -20.08 -4.89 12.43
C ASP A 98 -19.17 -4.51 13.61
N ILE A 99 -18.53 -3.34 13.55
CA ILE A 99 -17.39 -2.99 14.45
C ILE A 99 -17.91 -2.29 15.70
N ALA A 100 -18.62 -1.17 15.55
CA ALA A 100 -19.05 -0.29 16.66
C ALA A 100 -19.86 -1.09 17.69
N PRO A 101 -20.86 -1.90 17.28
CA PRO A 101 -21.62 -2.72 18.24
C PRO A 101 -20.85 -3.85 18.94
N ASN A 102 -19.66 -4.23 18.45
CA ASN A 102 -18.91 -5.43 18.91
C ASN A 102 -17.54 -5.07 19.48
N LEU A 103 -17.06 -3.83 19.27
CA LEU A 103 -15.72 -3.38 19.76
C LEU A 103 -15.74 -3.39 21.29
N ARG A 104 -14.92 -4.26 21.90
CA ARG A 104 -14.83 -4.45 23.38
C ARG A 104 -14.39 -3.15 24.06
N ASP A 105 -14.73 -2.99 25.34
CA ASP A 105 -14.23 -1.89 26.21
C ASP A 105 -12.69 -1.93 26.21
N GLY A 106 -12.06 -0.80 25.87
CA GLY A 106 -10.59 -0.61 25.94
C GLY A 106 -9.88 -1.14 24.71
N ALA A 107 -10.61 -1.61 23.69
CA ALA A 107 -10.07 -2.17 22.44
C ALA A 107 -9.61 -1.03 21.52
N LEU A 108 -8.68 -1.31 20.61
CA LEU A 108 -8.13 -0.34 19.62
C LEU A 108 -8.65 -0.70 18.22
N LEU A 109 -9.19 0.28 17.51
CA LEU A 109 -9.51 0.19 16.06
C LEU A 109 -8.47 1.00 15.28
N CYS A 110 -7.80 0.36 14.31
CA CYS A 110 -6.83 1.01 13.39
C CYS A 110 -7.35 0.94 11.95
N VAL A 111 -7.20 2.04 11.21
CA VAL A 111 -7.33 2.12 9.73
C VAL A 111 -5.91 2.25 9.16
N ALA A 112 -5.71 1.92 7.88
CA ALA A 112 -4.41 2.00 7.18
C ALA A 112 -4.42 3.17 6.18
N HIS A 113 -5.42 4.05 6.27
CA HIS A 113 -5.64 5.22 5.39
C HIS A 113 -6.63 6.16 6.08
N GLY A 114 -6.44 7.47 5.97
CA GLY A 114 -7.20 8.48 6.74
C GLY A 114 -8.51 8.87 6.07
N HIS A 115 -8.82 8.33 4.89
CA HIS A 115 -9.97 8.77 4.06
C HIS A 115 -11.28 8.66 4.87
N SER A 116 -11.54 7.48 5.46
CA SER A 116 -12.78 7.18 6.23
C SER A 116 -12.86 8.09 7.46
N LEU A 117 -11.71 8.49 8.01
CA LEU A 117 -11.62 9.43 9.16
C LEU A 117 -11.98 10.84 8.67
N VAL A 118 -11.38 11.31 7.57
CA VAL A 118 -11.67 12.65 6.97
C VAL A 118 -13.17 12.75 6.70
N GLN A 119 -13.76 11.69 6.12
CA GLN A 119 -15.19 11.67 5.67
C GLN A 119 -16.13 11.45 6.87
N GLY A 120 -15.59 11.05 8.03
CA GLY A 120 -16.37 10.82 9.26
C GLY A 120 -17.17 9.52 9.20
N ASP A 121 -16.73 8.57 8.36
CA ASP A 121 -17.36 7.23 8.21
C ASP A 121 -16.89 6.32 9.35
N VAL A 122 -15.65 6.51 9.80
CA VAL A 122 -15.10 5.90 11.05
C VAL A 122 -14.83 7.05 12.03
N ARG A 123 -15.37 6.92 13.25
CA ARG A 123 -15.40 8.00 14.27
C ARG A 123 -14.95 7.40 15.61
N PRO A 124 -14.38 8.21 16.54
CA PRO A 124 -14.03 7.72 17.87
C PRO A 124 -15.27 7.18 18.61
N LEU A 125 -15.06 6.16 19.47
CA LEU A 125 -16.12 5.55 20.32
C LEU A 125 -15.70 5.66 21.78
N PRO A 126 -16.63 6.01 22.70
CA PRO A 126 -16.34 6.04 24.13
C PRO A 126 -15.72 4.74 24.67
N GLY A 127 -14.62 4.85 25.41
CA GLY A 127 -13.95 3.74 26.12
C GLY A 127 -13.05 2.92 25.21
N ARG A 128 -12.90 3.33 23.94
CA ARG A 128 -12.14 2.59 22.90
C ARG A 128 -11.15 3.53 22.22
N ASP A 129 -10.03 2.98 21.74
CA ASP A 129 -8.94 3.75 21.09
C ASP A 129 -9.15 3.71 19.56
N LEU A 130 -8.83 4.82 18.88
CA LEU A 130 -8.88 4.96 17.41
C LEU A 130 -7.52 5.49 16.93
N ALA A 131 -6.93 4.86 15.91
CA ALA A 131 -5.62 5.23 15.35
C ALA A 131 -5.57 4.92 13.85
N MET A 132 -4.60 5.54 13.17
CA MET A 132 -4.21 5.23 11.78
C MET A 132 -2.79 4.67 11.82
N LEU A 133 -2.56 3.56 11.11
CA LEU A 133 -1.20 3.02 10.82
C LEU A 133 -1.16 2.71 9.32
N ALA A 134 -0.61 3.64 8.54
CA ALA A 134 -0.71 3.68 7.07
C ALA A 134 0.65 3.33 6.47
N PRO A 135 0.85 2.09 5.95
CA PRO A 135 2.10 1.70 5.30
C PRO A 135 2.35 2.54 4.04
N ARG A 136 3.62 2.86 3.76
CA ARG A 136 4.05 3.60 2.54
C ARG A 136 4.54 2.56 1.52
N MET A 137 3.73 1.53 1.30
CA MET A 137 4.08 0.32 0.50
C MET A 137 2.83 -0.54 0.33
N TYR A 138 2.77 -1.33 -0.74
CA TYR A 138 1.65 -2.27 -1.00
C TYR A 138 2.02 -3.65 -0.44
N GLY A 139 1.06 -4.59 -0.50
CA GLY A 139 1.01 -5.83 0.31
C GLY A 139 2.21 -6.74 0.09
N ASP A 140 2.47 -7.15 -1.16
CA ASP A 140 3.50 -8.16 -1.51
C ASP A 140 4.86 -7.71 -0.98
N PRO A 141 5.33 -6.48 -1.30
CA PRO A 141 6.62 -6.01 -0.78
C PRO A 141 6.70 -5.93 0.76
N ILE A 142 5.60 -5.59 1.46
CA ILE A 142 5.57 -5.55 2.96
C ILE A 142 5.89 -6.97 3.46
N ARG A 143 5.28 -7.97 2.83
CA ARG A 143 5.46 -9.40 3.19
C ARG A 143 6.86 -9.86 2.81
N ARG A 144 7.33 -9.52 1.60
CA ARG A 144 8.66 -9.93 1.09
C ARG A 144 9.78 -9.29 1.93
N TYR A 145 9.68 -7.97 2.17
CA TYR A 145 10.63 -7.23 3.04
C TYR A 145 10.70 -7.91 4.41
N TYR A 146 9.54 -8.20 5.01
CA TYR A 146 9.40 -8.82 6.35
C TYR A 146 10.21 -10.12 6.42
N LEU A 147 10.11 -10.95 5.38
CA LEU A 147 10.78 -12.28 5.30
C LEU A 147 12.30 -12.09 5.16
N ALA A 148 12.74 -10.94 4.65
CA ALA A 148 14.17 -10.58 4.47
C ALA A 148 14.69 -9.83 5.70
N GLY A 149 13.86 -9.65 6.74
CA GLY A 149 14.23 -8.94 7.98
C GLY A 149 14.15 -7.44 7.81
N GLN A 150 13.48 -6.99 6.76
CA GLN A 150 13.37 -5.55 6.37
C GLN A 150 11.93 -5.10 6.54
N GLY A 151 11.65 -3.84 6.22
CA GLY A 151 10.29 -3.29 6.21
C GLY A 151 10.25 -1.98 5.45
N ALA A 152 9.05 -1.48 5.21
CA ALA A 152 8.78 -0.18 4.56
C ALA A 152 8.33 0.81 5.63
N PRO A 153 8.42 2.14 5.38
CA PRO A 153 7.98 3.11 6.36
C PRO A 153 6.45 3.08 6.54
N ALA A 154 5.96 3.72 7.61
CA ALA A 154 4.52 3.93 7.87
C ALA A 154 4.33 5.31 8.49
N TYR A 155 3.13 5.88 8.33
CA TYR A 155 2.65 7.05 9.09
C TYR A 155 1.63 6.57 10.11
N PHE A 156 1.66 7.13 11.32
CA PHE A 156 0.68 6.80 12.39
C PHE A 156 0.09 8.10 12.93
N ASP A 157 -1.14 8.00 13.42
CA ASP A 157 -1.88 9.11 14.07
C ASP A 157 -2.80 8.52 15.14
N ILE A 158 -2.63 8.95 16.39
CA ILE A 158 -3.51 8.58 17.53
C ILE A 158 -4.68 9.56 17.53
N VAL A 159 -5.85 9.13 17.02
CA VAL A 159 -7.05 9.99 16.83
C VAL A 159 -7.78 10.11 18.16
N ALA A 160 -7.93 8.99 18.88
CA ALA A 160 -8.57 8.91 20.22
C ALA A 160 -7.82 7.90 21.08
N ASP A 161 -7.33 8.36 22.23
CA ASP A 161 -6.65 7.52 23.25
C ASP A 161 -7.44 7.63 24.56
N HIS A 162 -8.40 6.72 24.77
CA HIS A 162 -9.30 6.69 25.95
C HIS A 162 -8.68 5.81 27.06
N THR A 163 -7.77 4.90 26.71
CA THR A 163 -7.14 3.92 27.65
C THR A 163 -5.74 4.39 28.07
N GLY A 164 -5.08 5.22 27.27
CA GLY A 164 -3.67 5.61 27.47
C GLY A 164 -2.69 4.58 26.91
N ARG A 165 -3.17 3.54 26.24
CA ARG A 165 -2.34 2.44 25.68
C ARG A 165 -2.31 2.49 24.14
N ALA A 166 -3.04 3.41 23.52
CA ALA A 166 -3.28 3.46 22.05
C ALA A 166 -1.94 3.45 21.31
N ARG A 167 -1.05 4.38 21.65
CA ARG A 167 0.29 4.58 21.03
C ARG A 167 1.10 3.27 21.12
N ASP A 168 1.24 2.72 22.32
CA ASP A 168 2.06 1.50 22.59
C ASP A 168 1.56 0.34 21.72
N ARG A 169 0.24 0.16 21.63
CA ARG A 169 -0.40 -0.94 20.86
C ARG A 169 -0.20 -0.73 19.36
N VAL A 170 -0.42 0.49 18.86
CA VAL A 170 -0.23 0.84 17.42
C VAL A 170 1.22 0.53 17.03
N LEU A 171 2.19 0.99 17.84
CA LEU A 171 3.64 0.85 17.55
C LEU A 171 4.07 -0.61 17.73
N ALA A 172 3.39 -1.36 18.61
CA ALA A 172 3.57 -2.82 18.77
C ALA A 172 3.12 -3.54 17.48
N ILE A 173 1.97 -3.16 16.91
CA ILE A 173 1.46 -3.69 15.61
C ILE A 173 2.50 -3.36 14.53
N ALA A 174 2.94 -2.10 14.48
CA ALA A 174 3.90 -1.58 13.48
C ALA A 174 5.19 -2.41 13.51
N ARG A 175 5.72 -2.71 14.70
CA ARG A 175 6.99 -3.47 14.83
C ARG A 175 6.76 -4.92 14.39
N ALA A 176 5.64 -5.53 14.81
CA ALA A 176 5.29 -6.94 14.49
C ALA A 176 5.11 -7.11 12.98
N VAL A 177 4.58 -6.10 12.29
CA VAL A 177 4.34 -6.13 10.82
C VAL A 177 5.61 -5.69 10.08
N GLY A 178 6.49 -4.93 10.75
CA GLY A 178 7.89 -4.70 10.33
C GLY A 178 8.17 -3.27 9.91
N PHE A 179 7.23 -2.34 10.10
CA PHE A 179 7.34 -0.93 9.61
C PHE A 179 8.44 -0.20 10.36
N THR A 180 8.69 -0.56 11.63
CA THR A 180 9.68 0.12 12.51
C THR A 180 11.11 -0.26 12.09
N ARG A 181 11.28 -1.26 11.21
CA ARG A 181 12.61 -1.63 10.66
C ARG A 181 13.12 -0.51 9.75
N ALA A 182 12.21 0.25 9.13
CA ALA A 182 12.50 1.46 8.32
C ALA A 182 12.27 2.71 9.19
N GLY A 183 11.05 2.89 9.68
CA GLY A 183 10.65 4.01 10.55
C GLY A 183 9.16 4.26 10.47
N VAL A 184 8.53 4.56 11.62
CA VAL A 184 7.07 4.89 11.70
C VAL A 184 6.96 6.34 12.21
N MET A 185 6.51 7.24 11.35
CA MET A 185 6.49 8.70 11.61
C MET A 185 5.07 9.14 11.95
N ALA A 186 4.92 9.94 13.01
CA ALA A 186 3.67 10.63 13.37
C ALA A 186 3.29 11.57 12.22
N LEU A 187 2.10 11.36 11.63
CA LEU A 187 1.52 12.26 10.59
C LEU A 187 0.00 12.22 10.69
N GLY A 188 -0.65 13.39 10.71
CA GLY A 188 -2.11 13.54 10.80
C GLY A 188 -2.83 12.74 9.73
N TYR A 189 -3.96 12.11 10.07
CA TYR A 189 -4.74 11.25 9.14
C TYR A 189 -5.17 12.07 7.93
N ARG A 190 -5.53 13.34 8.14
CA ARG A 190 -5.96 14.27 7.06
C ARG A 190 -4.81 14.40 6.06
N GLN A 191 -3.64 14.83 6.51
CA GLN A 191 -2.46 15.05 5.63
C GLN A 191 -2.08 13.74 4.92
N GLU A 192 -2.14 12.60 5.63
CA GLU A 192 -1.85 11.26 5.07
C GLU A 192 -2.80 10.98 3.91
N THR A 193 -4.10 11.25 4.12
CA THR A 193 -5.17 11.05 3.09
C THR A 193 -4.75 11.75 1.80
N PHE A 194 -4.46 13.05 1.87
CA PHE A 194 -4.20 13.94 0.71
C PHE A 194 -2.89 13.52 0.03
N LEU A 195 -1.85 13.25 0.83
CA LEU A 195 -0.53 12.74 0.36
C LEU A 195 -0.73 11.48 -0.48
N ASP A 196 -1.43 10.51 0.11
CA ASP A 196 -1.64 9.15 -0.44
C ASP A 196 -2.38 9.26 -1.77
N LEU A 197 -3.49 9.99 -1.77
CA LEU A 197 -4.36 10.19 -2.97
C LEU A 197 -3.59 10.92 -4.06
N PHE A 198 -2.71 11.87 -3.69
CA PHE A 198 -1.90 12.68 -4.64
C PHE A 198 -0.91 11.78 -5.38
N GLN A 199 -0.26 10.86 -4.65
CA GLN A 199 0.69 9.89 -5.22
C GLN A 199 -0.04 9.01 -6.26
N GLU A 200 -1.27 8.60 -5.92
CA GLU A 200 -2.08 7.64 -6.71
C GLU A 200 -2.73 8.33 -7.92
N GLN A 201 -2.96 9.65 -7.85
CA GLN A 201 -3.78 10.40 -8.86
C GLN A 201 -2.89 11.27 -9.75
N PHE A 202 -1.83 11.86 -9.22
CA PHE A 202 -0.86 12.67 -10.01
C PHE A 202 0.33 11.80 -10.42
N LEU A 203 1.10 11.33 -9.44
CA LEU A 203 2.47 10.80 -9.70
C LEU A 203 2.41 9.48 -10.46
N ALA A 204 1.68 8.48 -9.97
CA ALA A 204 1.65 7.12 -10.54
C ALA A 204 1.19 7.19 -12.00
N PRO A 205 0.04 7.84 -12.31
CA PRO A 205 -0.41 7.98 -13.70
C PRO A 205 0.58 8.75 -14.60
N ALA A 206 1.10 9.88 -14.12
CA ALA A 206 2.06 10.74 -14.85
C ALA A 206 3.33 9.93 -15.17
N LEU A 207 3.78 9.14 -14.20
CA LEU A 207 4.98 8.28 -14.31
C LEU A 207 4.76 7.24 -15.43
N VAL A 208 3.62 6.54 -15.42
CA VAL A 208 3.29 5.49 -16.42
C VAL A 208 3.02 6.16 -17.77
N ASP A 209 2.32 7.31 -17.78
CA ASP A 209 2.08 8.13 -18.99
C ASP A 209 3.42 8.50 -19.64
N LEU A 210 4.40 8.91 -18.84
CA LEU A 210 5.74 9.33 -19.33
C LEU A 210 6.43 8.13 -19.99
N VAL A 211 6.52 7.00 -19.29
CA VAL A 211 7.09 5.72 -19.81
C VAL A 211 6.41 5.40 -21.15
N GLU A 212 5.08 5.56 -21.20
CA GLU A 212 4.25 5.23 -22.38
C GLU A 212 4.56 6.18 -23.52
N THR A 213 4.77 7.47 -23.22
CA THR A 213 5.16 8.52 -24.19
C THR A 213 6.51 8.14 -24.81
N GLY A 214 7.47 7.72 -23.98
CA GLY A 214 8.78 7.21 -24.43
C GLY A 214 8.62 6.08 -25.42
N PHE A 215 7.79 5.09 -25.08
CA PHE A 215 7.50 3.90 -25.91
C PHE A 215 6.87 4.32 -27.23
N GLN A 216 5.81 5.13 -27.17
CA GLN A 216 4.98 5.51 -28.34
C GLN A 216 5.84 6.29 -29.36
N VAL A 217 6.67 7.23 -28.90
CA VAL A 217 7.53 8.06 -29.78
C VAL A 217 8.56 7.15 -30.48
N LEU A 218 9.16 6.22 -29.75
CA LEU A 218 10.18 5.29 -30.30
C LEU A 218 9.56 4.40 -31.38
N VAL A 219 8.38 3.82 -31.11
CA VAL A 219 7.68 2.88 -32.04
C VAL A 219 7.25 3.66 -33.29
N GLU A 220 6.75 4.89 -33.13
CA GLU A 220 6.33 5.77 -34.25
C GLU A 220 7.55 6.10 -35.13
N ARG A 221 8.74 6.20 -34.52
CA ARG A 221 9.99 6.59 -35.21
C ARG A 221 10.75 5.33 -35.69
N GLY A 222 10.12 4.16 -35.63
CA GLY A 222 10.55 2.94 -36.33
C GLY A 222 11.46 2.04 -35.51
N PHE A 223 11.54 2.25 -34.19
CA PHE A 223 12.36 1.43 -33.26
C PHE A 223 11.62 0.10 -33.00
N ASN A 224 12.40 -0.98 -32.90
CA ASN A 224 11.97 -2.32 -32.43
C ASN A 224 11.07 -2.14 -31.21
N PRO A 225 9.78 -2.55 -31.27
CA PRO A 225 8.85 -2.34 -30.15
C PRO A 225 9.27 -3.05 -28.85
N LYS A 226 9.86 -4.25 -28.93
CA LYS A 226 10.37 -4.98 -27.73
C LYS A 226 11.46 -4.15 -27.07
N ALA A 227 12.43 -3.68 -27.87
CA ALA A 227 13.60 -2.90 -27.39
C ALA A 227 13.10 -1.60 -26.74
N ALA A 228 12.18 -0.89 -27.41
CA ALA A 228 11.57 0.36 -26.91
C ALA A 228 10.94 0.13 -25.53
N LEU A 229 10.09 -0.91 -25.43
CA LEU A 229 9.39 -1.30 -24.18
C LEU A 229 10.44 -1.60 -23.09
N LEU A 230 11.48 -2.37 -23.43
CA LEU A 230 12.54 -2.78 -22.47
C LEU A 230 13.24 -1.53 -21.90
N GLU A 231 13.58 -0.56 -22.75
CA GLU A 231 14.36 0.64 -22.34
C GLU A 231 13.51 1.52 -21.41
N VAL A 232 12.21 1.66 -21.69
CA VAL A 232 11.32 2.62 -20.95
C VAL A 232 10.92 2.04 -19.59
N TYR A 233 10.92 0.71 -19.42
CA TYR A 233 10.72 0.06 -18.09
C TYR A 233 10.93 -1.46 -18.13
N GLY A 234 10.66 -2.12 -19.27
CA GLY A 234 10.55 -3.59 -19.39
C GLY A 234 11.81 -4.32 -18.93
N SER A 235 12.99 -3.70 -19.08
CA SER A 235 14.30 -4.28 -18.68
C SER A 235 14.42 -4.34 -17.16
N GLY A 236 13.65 -3.50 -16.44
CA GLY A 236 13.75 -3.31 -14.98
C GLY A 236 14.73 -2.21 -14.60
N GLU A 237 15.45 -1.65 -15.58
CA GLU A 237 16.56 -0.68 -15.34
C GLU A 237 16.01 0.62 -14.73
N MET A 238 14.91 1.15 -15.27
CA MET A 238 14.30 2.41 -14.75
C MET A 238 13.73 2.14 -13.35
N GLY A 239 13.09 0.98 -13.15
CA GLY A 239 12.61 0.52 -11.83
C GLY A 239 13.76 0.38 -10.84
N LYS A 240 14.88 -0.17 -11.28
CA LYS A 240 16.12 -0.33 -10.46
C LYS A 240 16.67 1.05 -10.10
N MET A 241 16.73 1.98 -11.06
CA MET A 241 17.20 3.37 -10.85
C MET A 241 16.35 4.03 -9.76
N MET A 242 15.03 3.83 -9.80
CA MET A 242 14.06 4.43 -8.85
C MET A 242 14.20 3.79 -7.46
N LEU A 243 14.39 2.48 -7.38
CA LEU A 243 14.51 1.75 -6.08
C LEU A 243 15.89 2.04 -5.46
N ASP A 244 16.96 1.98 -6.26
CA ASP A 244 18.32 2.37 -5.82
C ASP A 244 18.32 3.86 -5.44
N GLY A 245 17.56 4.67 -6.20
CA GLY A 245 17.39 6.12 -5.97
C GLY A 245 16.72 6.39 -4.63
N ALA A 246 15.72 5.58 -4.27
CA ALA A 246 15.01 5.65 -2.97
C ALA A 246 16.05 5.61 -1.84
N ASP A 247 17.09 4.81 -2.01
CA ASP A 247 18.16 4.62 -0.99
C ASP A 247 19.09 5.83 -0.97
N ILE A 248 19.81 6.09 -2.08
CA ILE A 248 21.02 6.97 -2.11
C ILE A 248 20.70 8.29 -2.84
N GLY A 249 19.51 8.43 -3.44
CA GLY A 249 19.11 9.62 -4.20
C GLY A 249 19.14 9.36 -5.69
N LEU A 250 18.22 9.97 -6.45
CA LEU A 250 18.00 9.65 -7.88
C LEU A 250 19.16 10.19 -8.73
N ASP A 251 19.55 11.44 -8.51
CA ASP A 251 20.70 12.08 -9.21
C ASP A 251 21.98 11.31 -8.84
N GLU A 252 22.07 10.85 -7.60
CA GLU A 252 23.27 10.16 -7.06
C GLU A 252 23.46 8.82 -7.77
N VAL A 253 22.38 8.07 -8.03
CA VAL A 253 22.42 6.76 -8.75
C VAL A 253 23.12 6.97 -10.09
N VAL A 254 22.74 8.02 -10.82
CA VAL A 254 23.28 8.35 -12.17
C VAL A 254 24.77 8.71 -12.02
N ALA A 255 25.13 9.46 -10.99
CA ALA A 255 26.53 9.92 -10.71
C ALA A 255 27.44 8.71 -10.42
N LEU A 256 26.89 7.66 -9.80
CA LEU A 256 27.66 6.49 -9.31
C LEU A 256 27.66 5.36 -10.34
N GLN A 257 26.54 5.14 -11.05
CA GLN A 257 26.36 3.94 -11.91
C GLN A 257 26.12 4.30 -13.38
N GLY A 258 26.03 5.59 -13.72
CA GLY A 258 25.94 6.05 -15.11
C GLY A 258 27.33 6.21 -15.73
N SER A 259 27.50 5.75 -16.98
CA SER A 259 28.68 6.05 -17.82
C SER A 259 28.77 7.56 -18.03
N PRO A 260 29.97 8.14 -18.27
CA PRO A 260 30.07 9.57 -18.58
C PRO A 260 29.10 10.02 -19.68
N THR A 261 28.92 9.19 -20.72
CA THR A 261 27.96 9.43 -21.84
C THR A 261 26.55 9.58 -21.29
N CYS A 262 26.13 8.65 -20.43
CA CYS A 262 24.81 8.65 -19.73
C CYS A 262 24.67 9.92 -18.88
N GLN A 263 25.68 10.20 -18.05
CA GLN A 263 25.65 11.32 -17.08
C GLN A 263 25.54 12.65 -17.84
N VAL A 264 26.30 12.81 -18.93
CA VAL A 264 26.32 14.05 -19.77
C VAL A 264 24.93 14.25 -20.40
N GLY A 265 24.35 13.18 -20.97
CA GLY A 265 23.00 13.19 -21.56
C GLY A 265 21.95 13.56 -20.53
N TYR A 266 21.98 12.88 -19.38
CA TYR A 266 21.05 13.06 -18.24
C TYR A 266 21.05 14.53 -17.78
N HIS A 267 22.25 15.09 -17.57
CA HIS A 267 22.43 16.44 -16.96
C HIS A 267 22.23 17.54 -18.02
N ARG A 268 22.18 17.18 -19.30
CA ARG A 268 21.80 18.14 -20.38
C ARG A 268 20.33 18.54 -20.20
N TRP A 269 19.49 17.61 -19.76
CA TRP A 269 18.01 17.76 -19.75
C TRP A 269 17.44 17.77 -18.33
N ARG A 270 18.21 17.33 -17.33
CA ARG A 270 17.76 17.26 -15.91
C ARG A 270 17.24 18.64 -15.49
N GLY A 271 15.98 18.71 -15.06
CA GLY A 271 15.31 19.93 -14.58
C GLY A 271 14.75 20.79 -15.69
N ARG A 272 14.77 20.31 -16.94
CA ARG A 272 14.41 21.11 -18.15
C ARG A 272 13.29 20.44 -18.97
N THR A 273 12.82 19.26 -18.59
CA THR A 273 12.01 18.36 -19.45
C THR A 273 10.51 18.72 -19.43
N LEU A 274 9.98 19.22 -18.31
CA LEU A 274 8.51 19.34 -18.09
C LEU A 274 8.10 20.81 -18.20
N PRO A 275 6.99 21.11 -18.91
CA PRO A 275 6.45 22.47 -18.94
C PRO A 275 5.65 22.75 -17.66
N THR A 276 5.29 24.01 -17.45
CA THR A 276 4.50 24.51 -16.29
C THR A 276 3.22 23.68 -16.13
N ALA A 277 2.62 23.23 -17.24
CA ALA A 277 1.31 22.53 -17.30
C ALA A 277 1.30 21.31 -16.37
N VAL A 278 2.43 20.62 -16.21
CA VAL A 278 2.54 19.42 -15.33
C VAL A 278 2.37 19.86 -13.87
N ARG A 279 3.18 20.82 -13.44
CA ARG A 279 3.12 21.44 -12.08
C ARG A 279 1.70 21.95 -11.80
N GLU A 280 1.05 22.58 -12.78
CA GLU A 280 -0.32 23.14 -12.64
C GLU A 280 -1.33 21.99 -12.50
N LEU A 281 -1.14 20.89 -13.23
CA LEU A 281 -2.02 19.70 -13.11
C LEU A 281 -1.91 19.11 -11.70
N ALA A 282 -0.69 19.02 -11.15
CA ALA A 282 -0.43 18.51 -9.78
C ALA A 282 -1.27 19.33 -8.79
N ALA A 283 -1.27 20.66 -8.92
CA ALA A 283 -2.03 21.60 -8.07
C ALA A 283 -3.53 21.27 -8.15
N ARG A 284 -4.05 21.06 -9.37
CA ARG A 284 -5.49 20.78 -9.62
C ARG A 284 -5.88 19.45 -8.95
N VAL A 285 -5.11 18.39 -9.17
CA VAL A 285 -5.32 17.04 -8.56
C VAL A 285 -5.43 17.22 -7.05
N LEU A 286 -4.49 17.96 -6.45
CA LEU A 286 -4.41 18.23 -4.99
C LEU A 286 -5.66 18.97 -4.52
N ASP A 287 -6.11 19.99 -5.27
CA ASP A 287 -7.33 20.79 -4.95
C ASP A 287 -8.57 19.89 -5.03
N GLN A 288 -8.64 19.02 -6.04
CA GLN A 288 -9.74 18.03 -6.24
C GLN A 288 -9.76 17.04 -5.06
N ILE A 289 -8.59 16.68 -4.55
CA ILE A 289 -8.44 15.78 -3.36
C ILE A 289 -8.91 16.53 -2.12
N GLU A 290 -8.32 17.70 -1.85
CA GLU A 290 -8.55 18.50 -0.61
C GLU A 290 -9.97 19.04 -0.56
N GLY A 291 -10.55 19.39 -1.72
CA GLY A 291 -11.86 20.04 -1.84
C GLY A 291 -13.03 19.06 -1.73
N GLY A 292 -12.78 17.76 -1.93
CA GLY A 292 -13.80 16.70 -1.80
C GLY A 292 -14.41 16.28 -3.13
N ASP A 293 -13.90 16.83 -4.25
CA ASP A 293 -14.33 16.45 -5.62
C ASP A 293 -14.01 14.97 -5.87
N PHE A 294 -12.80 14.53 -5.54
CA PHE A 294 -12.38 13.11 -5.72
C PHE A 294 -13.25 12.20 -4.86
N SER A 295 -13.46 12.58 -3.60
CA SER A 295 -14.29 11.83 -2.62
C SER A 295 -15.69 11.56 -3.21
N ALA A 296 -16.28 12.56 -3.87
CA ALA A 296 -17.60 12.47 -4.54
C ALA A 296 -17.49 11.52 -5.74
N TYR A 297 -16.41 11.64 -6.53
CA TYR A 297 -16.11 10.77 -7.70
C TYR A 297 -15.96 9.32 -7.21
N LEU A 298 -15.21 9.10 -6.12
CA LEU A 298 -14.93 7.75 -5.57
C LEU A 298 -16.25 7.09 -5.12
N LYS A 299 -17.07 7.80 -4.36
CA LYS A 299 -18.38 7.32 -3.84
C LYS A 299 -19.26 6.90 -5.03
N GLU A 300 -19.24 7.70 -6.10
CA GLU A 300 -20.00 7.45 -7.37
C GLU A 300 -19.50 6.17 -8.03
N GLN A 301 -18.18 5.95 -8.07
CA GLN A 301 -17.54 4.75 -8.69
C GLN A 301 -17.85 3.52 -7.82
N ALA A 302 -17.96 3.70 -6.51
CA ALA A 302 -18.26 2.63 -5.52
C ALA A 302 -19.77 2.36 -5.44
N SER A 303 -20.61 3.18 -6.09
CA SER A 303 -22.09 3.00 -6.17
C SER A 303 -22.41 1.70 -6.90
N ASN A 304 -21.80 1.47 -8.06
CA ASN A 304 -21.67 0.13 -8.70
C ASN A 304 -20.72 -0.69 -7.81
N ASP A 305 -20.46 -1.95 -8.16
CA ASP A 305 -19.30 -2.70 -7.59
C ASP A 305 -18.07 -2.37 -8.44
N TYR A 306 -17.74 -1.07 -8.53
CA TYR A 306 -16.58 -0.51 -9.27
C TYR A 306 -16.60 -0.97 -10.72
N ALA A 307 -17.76 -0.84 -11.38
CA ALA A 307 -18.02 -1.31 -12.76
C ALA A 307 -17.15 -0.53 -13.75
N SER A 308 -17.13 0.80 -13.63
CA SER A 308 -16.35 1.71 -14.52
C SER A 308 -14.85 1.43 -14.38
N LEU A 309 -14.39 1.14 -13.17
CA LEU A 309 -12.98 0.76 -12.88
C LEU A 309 -12.64 -0.53 -13.64
N ASP A 310 -13.54 -1.51 -13.61
CA ASP A 310 -13.37 -2.81 -14.31
C ASP A 310 -13.17 -2.57 -15.81
N ASP A 311 -13.98 -1.69 -16.41
CA ASP A 311 -13.91 -1.30 -17.85
C ASP A 311 -12.55 -0.65 -18.13
N ALA A 312 -12.12 0.27 -17.26
CA ALA A 312 -10.86 1.04 -17.38
C ALA A 312 -9.66 0.09 -17.32
N ARG A 313 -9.67 -0.86 -16.37
CA ARG A 313 -8.61 -1.90 -16.21
C ARG A 313 -8.51 -2.74 -17.48
N ARG A 314 -9.65 -3.17 -18.01
CA ARG A 314 -9.74 -4.00 -19.24
C ARG A 314 -9.20 -3.20 -20.43
N ALA A 315 -9.67 -1.97 -20.62
CA ALA A 315 -9.26 -1.05 -21.71
C ALA A 315 -7.75 -0.79 -21.65
N ALA A 316 -7.20 -0.59 -20.44
CA ALA A 316 -5.77 -0.30 -20.18
C ALA A 316 -4.89 -1.40 -20.80
N LEU A 317 -5.28 -2.68 -20.68
CA LEU A 317 -4.49 -3.85 -21.12
C LEU A 317 -4.48 -3.96 -22.66
N LYS A 318 -5.39 -3.26 -23.35
CA LYS A 318 -5.48 -3.26 -24.84
C LYS A 318 -4.61 -2.16 -25.44
N ARG A 319 -4.00 -1.30 -24.62
CA ARG A 319 -3.12 -0.19 -25.06
C ARG A 319 -1.85 -0.76 -25.67
N PRO A 320 -1.30 -0.14 -26.74
CA PRO A 320 -0.05 -0.60 -27.36
C PRO A 320 1.04 -1.03 -26.36
N LEU A 321 1.25 -0.24 -25.31
CA LEU A 321 2.31 -0.49 -24.27
C LEU A 321 2.10 -1.86 -23.62
N ASN A 322 0.84 -2.20 -23.30
CA ASN A 322 0.48 -3.43 -22.56
C ASN A 322 0.41 -4.62 -23.52
N VAL A 323 0.06 -4.38 -24.79
CA VAL A 323 0.16 -5.39 -25.89
C VAL A 323 1.64 -5.75 -26.07
N ALA A 324 2.50 -4.74 -26.18
CA ALA A 324 3.97 -4.88 -26.34
C ALA A 324 4.56 -5.59 -25.11
N HIS A 325 4.07 -5.28 -23.91
CA HIS A 325 4.55 -5.88 -22.64
C HIS A 325 4.38 -7.40 -22.70
N ALA A 326 3.17 -7.88 -23.05
CA ALA A 326 2.82 -9.31 -23.15
C ALA A 326 3.83 -10.01 -24.08
N GLN A 327 4.11 -9.40 -25.23
CA GLN A 327 5.06 -9.90 -26.26
C GLN A 327 6.47 -9.97 -25.68
N VAL A 328 6.90 -8.93 -24.94
CA VAL A 328 8.26 -8.85 -24.34
C VAL A 328 8.39 -9.95 -23.27
N ARG A 329 7.40 -10.04 -22.36
CA ARG A 329 7.50 -10.92 -21.16
C ARG A 329 7.44 -12.40 -21.58
N ALA A 330 6.82 -12.69 -22.74
CA ALA A 330 6.79 -14.04 -23.36
C ALA A 330 8.18 -14.41 -23.87
N ALA A 331 8.93 -13.42 -24.39
CA ALA A 331 10.20 -13.60 -25.12
C ALA A 331 11.41 -13.44 -24.20
N PHE A 332 11.28 -12.62 -23.14
CA PHE A 332 12.36 -12.37 -22.15
C PHE A 332 11.92 -12.88 -20.77
N ARG A 333 12.75 -13.72 -20.13
CA ARG A 333 12.55 -14.18 -18.73
C ARG A 333 12.91 -13.01 -17.80
N PHE A 334 12.11 -12.78 -16.76
CA PHE A 334 12.31 -11.72 -15.76
C PHE A 334 12.74 -12.34 -14.43
N PRO A 335 13.69 -11.69 -13.69
CA PRO A 335 14.11 -12.19 -12.38
C PRO A 335 13.04 -12.01 -11.29
N THR A 336 12.09 -12.94 -11.23
CA THR A 336 10.96 -12.94 -10.27
C THR A 336 11.35 -13.65 -8.97
N GLU A 337 10.87 -13.15 -7.83
CA GLU A 337 10.85 -13.89 -6.54
C GLU A 337 9.55 -14.71 -6.50
N ALA A 338 9.66 -16.04 -6.49
CA ALA A 338 8.52 -16.99 -6.51
C ALA A 338 7.55 -16.65 -5.38
N ALA A 339 6.25 -16.56 -5.67
CA ALA A 339 5.18 -16.16 -4.72
C ALA A 339 4.57 -17.39 -4.04
N GLY A 340 5.16 -18.57 -4.27
CA GLY A 340 4.68 -19.86 -3.72
C GLY A 340 4.61 -19.84 -2.21
N GLY A 341 3.40 -19.89 -1.66
CA GLY A 341 3.14 -19.93 -0.20
C GLY A 341 3.80 -18.77 0.53
N LEU A 342 3.86 -17.59 -0.09
CA LEU A 342 4.56 -16.39 0.45
C LEU A 342 3.92 -15.99 1.79
N TYR A 343 2.59 -16.14 1.92
CA TYR A 343 1.80 -15.72 3.11
C TYR A 343 1.51 -16.91 4.03
N GLN A 344 2.08 -18.09 3.76
CA GLN A 344 1.98 -19.27 4.65
C GLN A 344 3.02 -19.14 5.77
N ALA A 345 2.79 -19.82 6.91
CA ALA A 345 3.72 -19.89 8.06
C ALA A 345 5.07 -20.42 7.57
N ALA A 346 5.04 -21.46 6.73
CA ALA A 346 6.20 -22.03 6.01
C ALA A 346 6.01 -21.84 4.50
N GLN A 347 6.99 -21.23 3.83
CA GLN A 347 6.92 -20.90 2.38
C GLN A 347 7.12 -22.19 1.57
N ALA A 348 6.67 -22.18 0.31
CA ALA A 348 6.86 -23.27 -0.68
C ALA A 348 8.35 -23.54 -0.84
N PRO A 349 8.76 -24.79 -1.19
CA PRO A 349 10.15 -25.05 -1.54
C PRO A 349 10.63 -24.10 -2.64
N ALA A 350 11.86 -23.57 -2.50
CA ALA A 350 12.49 -22.62 -3.45
C ALA A 350 12.43 -23.20 -4.86
N ASP A 351 11.94 -22.40 -5.82
CA ASP A 351 11.80 -22.78 -7.25
C ASP A 351 13.17 -22.63 -7.93
N VAL A 352 13.76 -23.74 -8.37
CA VAL A 352 15.18 -23.81 -8.86
C VAL A 352 15.31 -23.03 -10.17
#